data_3SHS
#
_entry.id   3SHS
#
_cell.length_a   213.540
_cell.length_b   36.731
_cell.length_c   62.693
_cell.angle_alpha   90.00
_cell.angle_beta   99.28
_cell.angle_gamma   90.00
#
_symmetry.space_group_name_H-M   'C 1 2 1'
#
loop_
_entity.id
_entity.type
_entity.pdbx_description
1 polymer 'Hoc head outer capsid protein'
2 non-polymer 'MAGNESIUM ION'
3 water water
#
_entity_poly.entity_id   1
_entity_poly.type   'polypeptide(L)'
_entity_poly.pdbx_seq_one_letter_code
;MAFTVSIQSNKRCFLAGDGFTLTATVAGDEPLPSNLTYTWTKDDQPHENNTATLTVADATSENAGSYKVTVQDTDTMTSV
ESEVFLMEEAELIVNITEPQHFYVSSQTDVELHATVKFSGGKTPADNYELHYSWSKGEDVIDTTQDITIQEFTADKNGVY
TVKVWGESEDSAASASTKIMLATMNVDQDVVESKTVALGNEISLNYVVSEDIVGDSSGMPNLTIKYNWYLQREGQLSPTL
IGSEVGEALEGFSITPDGHLFKESATYDDTAKFWCVAKLYQQIEDETVEVAASTSRKCSMEVVK
;
_entity_poly.pdbx_strand_id   A
#
# COMPACT_ATOMS: atom_id res chain seq x y z
N ALA A 2 19.91 49.79 -16.96
CA ALA A 2 19.24 48.54 -17.32
C ALA A 2 17.76 48.51 -16.92
N PHE A 3 16.90 48.14 -17.87
CA PHE A 3 15.46 48.08 -17.68
C PHE A 3 15.05 46.70 -18.18
N THR A 4 14.61 45.85 -17.25
CA THR A 4 14.34 44.45 -17.55
C THR A 4 13.00 44.04 -16.98
N VAL A 5 12.45 42.94 -17.49
CA VAL A 5 11.23 42.43 -16.91
C VAL A 5 11.20 40.91 -16.85
N SER A 6 10.58 40.40 -15.79
CA SER A 6 10.37 38.99 -15.67
C SER A 6 9.05 38.73 -15.01
N ILE A 7 8.51 37.56 -15.30
CA ILE A 7 7.33 37.07 -14.63
C ILE A 7 7.73 36.35 -13.34
N GLN A 8 7.09 36.75 -12.25
CA GLN A 8 7.28 36.08 -10.97
C GLN A 8 5.97 35.46 -10.61
N SER A 9 6.01 34.20 -10.21
CA SER A 9 4.80 33.49 -9.89
C SER A 9 4.76 33.06 -8.44
N ASN A 10 3.56 33.01 -7.90
CA ASN A 10 3.36 32.56 -6.54
C ASN A 10 3.22 31.02 -6.42
N LYS A 11 3.08 30.35 -7.57
CA LYS A 11 3.04 28.89 -7.67
C LYS A 11 4.07 28.38 -8.69
N ARG A 12 4.65 27.19 -8.46
CA ARG A 12 5.58 26.57 -9.44
C ARG A 12 4.83 25.81 -10.52
N CYS A 13 3.59 25.46 -10.19
CA CYS A 13 2.69 24.71 -11.06
C CYS A 13 1.35 24.77 -10.38
N PHE A 14 0.35 24.11 -10.92
CA PHE A 14 -0.96 24.20 -10.27
C PHE A 14 -1.75 22.93 -10.47
N LEU A 15 -2.72 22.69 -9.59
CA LEU A 15 -3.62 21.56 -9.71
C LEU A 15 -5.02 22.13 -9.99
N ALA A 16 -5.91 21.33 -10.58
CA ALA A 16 -7.25 21.81 -10.93
C ALA A 16 -7.94 22.47 -9.76
N GLY A 17 -8.47 23.67 -9.97
CA GLY A 17 -9.12 24.40 -8.92
C GLY A 17 -8.22 25.30 -8.07
N ASP A 18 -6.92 25.29 -8.34
CA ASP A 18 -6.03 26.19 -7.63
C ASP A 18 -6.22 27.61 -8.16
N GLY A 19 -5.83 28.59 -7.34
CA GLY A 19 -5.59 29.94 -7.85
C GLY A 19 -4.10 30.15 -8.03
N PHE A 20 -3.74 31.10 -8.89
CA PHE A 20 -2.37 31.60 -8.96
C PHE A 20 -2.28 33.04 -9.47
N THR A 21 -1.12 33.64 -9.28
CA THR A 21 -0.91 35.03 -9.70
C THR A 21 0.46 35.19 -10.34
N LEU A 22 0.48 35.75 -11.55
CA LEU A 22 1.72 36.06 -12.20
C LEU A 22 1.95 37.55 -12.04
N THR A 23 3.21 37.94 -11.93
CA THR A 23 3.56 39.33 -11.68
C THR A 23 4.66 39.79 -12.60
N ALA A 24 4.39 40.79 -13.41
CA ALA A 24 5.41 41.44 -14.19
C ALA A 24 6.29 42.19 -13.22
N THR A 25 7.57 41.86 -13.19
CA THR A 25 8.47 42.50 -12.24
C THR A 25 9.59 43.18 -12.99
N VAL A 26 9.66 44.50 -12.84
CA VAL A 26 10.67 45.31 -13.52
C VAL A 26 11.92 45.49 -12.66
N ALA A 27 13.07 45.32 -13.29
CA ALA A 27 14.34 45.32 -12.58
C ALA A 27 15.30 46.32 -13.21
N GLY A 28 16.55 46.31 -12.75
CA GLY A 28 17.59 47.13 -13.33
C GLY A 28 17.99 48.39 -12.59
N ASP A 29 18.75 49.23 -13.28
CA ASP A 29 19.30 50.48 -12.75
C ASP A 29 18.23 51.48 -12.30
N GLU A 30 18.50 52.12 -11.16
CA GLU A 30 17.57 53.04 -10.52
C GLU A 30 17.73 54.49 -11.02
N PRO A 31 16.63 55.26 -11.04
CA PRO A 31 15.27 54.81 -10.75
C PRO A 31 14.68 54.04 -11.93
N LEU A 32 13.92 53.01 -11.65
CA LEU A 32 13.27 52.24 -12.70
C LEU A 32 12.07 53.02 -13.23
N PRO A 33 11.81 52.93 -14.54
CA PRO A 33 10.70 53.68 -15.14
C PRO A 33 9.40 53.39 -14.38
N SER A 34 8.70 54.43 -13.96
CA SER A 34 7.47 54.23 -13.19
C SER A 34 6.15 54.34 -13.98
N ASN A 35 6.18 54.85 -15.21
CA ASN A 35 4.97 54.93 -16.04
C ASN A 35 4.98 53.85 -17.11
N LEU A 36 4.15 52.83 -16.92
CA LEU A 36 4.28 51.59 -17.67
C LEU A 36 2.96 51.03 -18.15
N THR A 37 2.95 50.45 -19.34
CA THR A 37 1.82 49.65 -19.76
C THR A 37 2.29 48.21 -19.81
N TYR A 38 1.37 47.27 -19.56
CA TYR A 38 1.64 45.84 -19.67
C TYR A 38 0.67 45.16 -20.61
N THR A 39 1.23 44.35 -21.50
CA THR A 39 0.48 43.55 -22.45
C THR A 39 0.82 42.09 -22.23
N TRP A 40 -0.18 41.25 -21.95
CA TRP A 40 0.06 39.84 -21.65
C TRP A 40 -0.35 38.97 -22.82
N THR A 41 0.41 37.91 -23.07
CA THR A 41 -0.02 36.85 -23.99
C THR A 41 0.09 35.49 -23.32
N LYS A 42 -0.74 34.54 -23.75
CA LYS A 42 -0.57 33.15 -23.33
C LYS A 42 -0.47 32.29 -24.58
N ASP A 43 0.57 31.48 -24.65
CA ASP A 43 0.80 30.68 -25.86
C ASP A 43 0.67 31.52 -27.12
N ASP A 44 1.28 32.71 -27.11
CA ASP A 44 1.35 33.52 -28.33
C ASP A 44 0.05 34.18 -28.71
N GLN A 45 -0.97 33.98 -27.88
CA GLN A 45 -2.30 34.47 -28.18
C GLN A 45 -2.54 35.62 -27.23
N PRO A 46 -3.34 36.61 -27.66
CA PRO A 46 -3.59 37.80 -26.84
C PRO A 46 -4.32 37.46 -25.57
N HIS A 47 -4.01 38.19 -24.50
CA HIS A 47 -4.76 38.07 -23.26
C HIS A 47 -5.31 39.44 -22.94
N GLU A 48 -6.46 39.48 -22.30
CA GLU A 48 -7.16 40.74 -22.02
C GLU A 48 -6.51 41.49 -20.88
N ASN A 49 -5.85 40.74 -19.99
CA ASN A 49 -5.37 41.33 -18.75
C ASN A 49 -4.26 42.30 -19.08
N ASN A 50 -4.47 43.56 -18.74
CA ASN A 50 -3.47 44.62 -18.87
C ASN A 50 -2.78 45.26 -17.67
N THR A 51 -2.89 44.67 -16.48
CA THR A 51 -2.26 45.21 -15.28
C THR A 51 -0.95 44.47 -14.97
N ALA A 52 -0.25 44.89 -13.92
CA ALA A 52 1.07 44.32 -13.59
C ALA A 52 1.00 42.86 -13.20
N THR A 53 -0.10 42.48 -12.54
CA THR A 53 -0.33 41.12 -12.09
C THR A 53 -1.42 40.47 -12.93
N LEU A 54 -1.27 39.18 -13.18
CA LEU A 54 -2.32 38.40 -13.83
C LEU A 54 -2.69 37.29 -12.87
N THR A 55 -3.98 37.21 -12.51
CA THR A 55 -4.46 36.35 -11.47
C THR A 55 -5.45 35.35 -12.02
N VAL A 56 -5.31 34.10 -11.59
CA VAL A 56 -6.26 33.05 -11.95
C VAL A 56 -6.95 32.45 -10.73
N ALA A 57 -8.21 32.13 -10.89
CA ALA A 57 -8.99 31.54 -9.83
C ALA A 57 -9.75 30.35 -10.40
N ASP A 58 -9.81 29.25 -9.64
CA ASP A 58 -10.43 28.00 -10.08
C ASP A 58 -9.83 27.46 -11.35
N ALA A 59 -8.52 27.28 -11.35
CA ALA A 59 -7.82 27.04 -12.59
C ALA A 59 -8.34 25.76 -13.25
N THR A 60 -8.28 25.69 -14.56
CA THR A 60 -8.59 24.45 -15.26
C THR A 60 -7.48 24.23 -16.28
N SER A 61 -7.63 23.21 -17.10
CA SER A 61 -6.56 22.94 -18.04
C SER A 61 -6.35 24.17 -18.89
N GLU A 62 -7.44 24.88 -19.16
CA GLU A 62 -7.32 26.06 -20.03
C GLU A 62 -6.32 27.09 -19.54
N ASN A 63 -6.14 27.19 -18.22
CA ASN A 63 -5.27 28.24 -17.69
C ASN A 63 -3.78 27.91 -17.80
N ALA A 64 -3.46 26.69 -18.20
CA ALA A 64 -2.07 26.28 -18.38
C ALA A 64 -1.56 26.86 -19.67
N GLY A 65 -0.25 27.06 -19.75
CA GLY A 65 0.31 27.58 -20.97
C GLY A 65 1.51 28.46 -20.73
N SER A 66 2.01 29.03 -21.83
CA SER A 66 3.25 29.75 -21.80
C SER A 66 2.96 31.23 -21.84
N TYR A 67 3.22 31.89 -20.70
CA TYR A 67 2.83 33.29 -20.51
C TYR A 67 4.00 34.19 -20.78
N LYS A 68 3.69 35.36 -21.31
CA LYS A 68 4.71 36.37 -21.52
C LYS A 68 4.04 37.72 -21.34
N VAL A 69 4.77 38.68 -20.75
CA VAL A 69 4.31 40.06 -20.64
C VAL A 69 5.30 41.00 -21.32
N THR A 70 4.79 41.94 -22.11
CA THR A 70 5.61 43.01 -22.65
C THR A 70 5.28 44.31 -21.92
N VAL A 71 6.30 44.97 -21.41
CA VAL A 71 6.13 46.18 -20.63
C VAL A 71 6.68 47.35 -21.41
N GLN A 72 5.88 48.38 -21.65
CA GLN A 72 6.35 49.59 -22.36
C GLN A 72 6.51 50.77 -21.44
N ASP A 73 7.61 51.49 -21.53
CA ASP A 73 7.80 52.71 -20.74
C ASP A 73 7.34 53.89 -21.56
N THR A 74 6.27 54.54 -21.12
CA THR A 74 5.59 55.52 -21.97
C THR A 74 6.30 56.88 -22.07
N ASP A 75 7.26 57.12 -21.19
CA ASP A 75 8.16 58.26 -21.37
C ASP A 75 9.00 58.09 -22.64
N THR A 76 9.78 57.03 -22.68
CA THR A 76 10.66 56.72 -23.80
C THR A 76 9.96 55.99 -24.94
N MET A 77 9.01 55.13 -24.59
CA MET A 77 8.37 54.24 -25.57
C MET A 77 9.14 52.94 -25.76
N THR A 78 10.23 52.82 -25.01
CA THR A 78 10.98 51.57 -24.97
C THR A 78 10.08 50.44 -24.46
N SER A 79 9.99 49.34 -25.21
CA SER A 79 9.24 48.17 -24.77
C SER A 79 10.20 47.03 -24.49
N VAL A 80 9.96 46.32 -23.41
CA VAL A 80 10.76 45.16 -23.03
C VAL A 80 9.87 43.97 -22.75
N GLU A 81 10.04 42.90 -23.49
CA GLU A 81 9.28 41.67 -23.21
C GLU A 81 10.06 40.65 -22.36
N SER A 82 9.33 39.97 -21.48
CA SER A 82 9.89 38.99 -20.57
C SER A 82 10.16 37.66 -21.24
N GLU A 83 11.02 36.83 -20.64
CA GLU A 83 11.05 35.40 -20.97
C GLU A 83 9.71 34.79 -20.63
N VAL A 84 9.31 33.74 -21.34
CA VAL A 84 8.02 33.13 -21.03
C VAL A 84 8.07 32.44 -19.70
N PHE A 85 6.94 32.43 -19.02
CA PHE A 85 6.85 31.63 -17.82
C PHE A 85 5.89 30.53 -18.16
N LEU A 86 6.35 29.29 -18.06
CA LEU A 86 5.53 28.19 -18.47
C LEU A 86 4.77 27.65 -17.27
N MET A 87 3.45 27.90 -17.22
CA MET A 87 2.65 27.41 -16.09
C MET A 87 1.95 26.10 -16.42
N GLU A 88 2.39 25.04 -15.76
CA GLU A 88 1.86 23.72 -16.04
C GLU A 88 0.96 23.20 -14.95
N GLU A 89 -0.07 22.48 -15.40
CA GLU A 89 -1.00 21.79 -14.53
C GLU A 89 -0.40 20.46 -14.17
N ALA A 90 -0.53 20.11 -12.90
CA ALA A 90 -0.04 18.85 -12.38
C ALA A 90 -1.19 18.04 -11.77
N GLU A 91 -0.96 16.76 -11.53
CA GLU A 91 -1.95 15.90 -10.88
C GLU A 91 -1.28 15.24 -9.70
N LEU A 92 -2.08 14.87 -8.71
CA LEU A 92 -1.56 14.17 -7.55
C LEU A 92 -1.49 12.70 -7.82
N ILE A 93 -0.34 12.09 -7.56
CA ILE A 93 -0.23 10.63 -7.50
C ILE A 93 -0.17 10.20 -6.06
N VAL A 94 -1.20 9.49 -5.61
CA VAL A 94 -1.33 9.11 -4.22
C VAL A 94 -1.01 7.62 -4.11
N ASN A 95 -0.29 7.26 -3.07
CA ASN A 95 0.14 5.87 -2.87
C ASN A 95 -0.02 5.41 -1.44
N ILE A 96 -0.20 4.11 -1.30
CA ILE A 96 -0.22 3.46 0.01
C ILE A 96 1.04 2.59 0.07
N THR A 97 1.76 2.69 1.18
CA THR A 97 3.07 2.05 1.31
C THR A 97 2.93 0.55 1.41
N GLU A 98 1.86 0.13 2.06
CA GLU A 98 1.47 -1.27 2.21
C GLU A 98 0.95 -1.86 0.89
N PRO A 99 0.92 -3.20 0.79
CA PRO A 99 0.50 -3.90 -0.44
C PRO A 99 -0.94 -3.58 -0.85
N GLN A 100 -1.21 -3.68 -2.15
CA GLN A 100 -2.54 -3.40 -2.68
C GLN A 100 -3.58 -4.30 -2.03
N HIS A 101 -3.26 -5.59 -1.90
CA HIS A 101 -4.08 -6.58 -1.18
C HIS A 101 -3.25 -7.32 -0.16
N PHE A 102 -3.70 -7.41 1.08
CA PHE A 102 -3.01 -8.28 2.03
C PHE A 102 -3.88 -8.85 3.15
N TYR A 103 -3.52 -10.05 3.60
CA TYR A 103 -4.08 -10.64 4.80
C TYR A 103 -3.26 -10.23 6.01
N VAL A 104 -3.96 -10.08 7.13
CA VAL A 104 -3.33 -9.80 8.42
C VAL A 104 -3.55 -10.97 9.42
N SER A 105 -2.65 -11.12 10.39
CA SER A 105 -2.83 -12.11 11.46
C SER A 105 -3.94 -11.63 12.37
N SER A 106 -4.54 -12.56 13.12
CA SER A 106 -5.61 -12.18 14.03
C SER A 106 -5.10 -11.29 15.15
N GLN A 107 -6.00 -10.46 15.67
CA GLN A 107 -5.71 -9.59 16.82
C GLN A 107 -4.48 -8.73 16.61
N THR A 108 -4.57 -7.82 15.63
CA THR A 108 -3.51 -6.87 15.36
C THR A 108 -4.15 -5.52 15.04
N ASP A 109 -3.39 -4.45 15.21
CA ASP A 109 -3.75 -3.11 14.76
C ASP A 109 -3.02 -2.87 13.45
N VAL A 110 -3.78 -2.55 12.42
CA VAL A 110 -3.19 -2.39 11.10
C VAL A 110 -2.90 -0.92 10.81
N GLU A 111 -1.64 -0.63 10.54
CA GLU A 111 -1.20 0.72 10.21
C GLU A 111 -1.13 0.91 8.71
N LEU A 112 -1.77 1.97 8.21
CA LEU A 112 -1.69 2.33 6.80
C LEU A 112 -1.03 3.70 6.61
N HIS A 113 -0.18 3.80 5.60
CA HIS A 113 0.51 5.04 5.28
C HIS A 113 0.24 5.47 3.83
N ALA A 114 -0.09 6.74 3.68
CA ALA A 114 -0.31 7.32 2.37
C ALA A 114 0.85 8.26 2.01
N THR A 115 1.29 8.15 0.77
CA THR A 115 2.33 9.01 0.22
C THR A 115 1.80 9.71 -1.03
N VAL A 116 2.35 10.87 -1.33
CA VAL A 116 1.83 11.61 -2.47
C VAL A 116 2.96 12.31 -3.21
N LYS A 117 2.85 12.37 -4.53
CA LYS A 117 3.84 13.04 -5.35
C LYS A 117 3.09 13.87 -6.36
N PHE A 118 3.74 14.89 -6.90
CA PHE A 118 3.12 15.64 -7.98
C PHE A 118 3.67 15.14 -9.29
N SER A 119 2.78 15.04 -10.26
CA SER A 119 3.07 14.42 -11.55
C SER A 119 4.30 14.98 -12.25
N GLY A 120 4.59 16.26 -11.99
CA GLY A 120 5.72 16.92 -12.64
C GLY A 120 6.91 17.12 -11.73
N GLY A 121 6.93 16.37 -10.63
CA GLY A 121 8.03 16.45 -9.68
C GLY A 121 8.25 17.82 -9.05
N LYS A 122 7.26 18.70 -9.12
CA LYS A 122 7.32 19.99 -8.42
C LYS A 122 6.08 20.16 -7.57
N THR A 123 6.23 20.60 -6.32
CA THR A 123 5.09 21.04 -5.54
C THR A 123 4.75 22.44 -6.05
N PRO A 124 3.48 22.83 -5.93
CA PRO A 124 3.05 24.17 -6.36
C PRO A 124 3.74 25.29 -5.60
N ALA A 125 3.90 25.11 -4.30
CA ALA A 125 4.51 26.11 -3.46
C ALA A 125 5.02 25.38 -2.23
N ASP A 126 5.95 26.01 -1.51
CA ASP A 126 6.58 25.33 -0.38
C ASP A 126 5.61 25.01 0.76
N ASN A 127 4.60 25.85 0.94
CA ASN A 127 3.63 25.65 2.01
C ASN A 127 2.32 25.01 1.58
N TYR A 128 2.22 24.61 0.32
CA TYR A 128 0.97 24.07 -0.24
C TYR A 128 0.40 22.93 0.60
N GLU A 129 -0.89 23.02 0.89
CA GLU A 129 -1.51 22.14 1.89
C GLU A 129 -2.32 21.00 1.26
N LEU A 130 -1.98 19.77 1.60
CA LEU A 130 -2.76 18.61 1.16
C LEU A 130 -3.73 18.12 2.23
N HIS A 131 -4.90 17.71 1.77
CA HIS A 131 -5.92 17.17 2.66
C HIS A 131 -6.03 15.66 2.40
N TYR A 132 -6.10 14.86 3.46
CA TYR A 132 -6.29 13.41 3.34
C TYR A 132 -7.61 13.01 3.95
N SER A 133 -8.30 12.05 3.33
CA SER A 133 -9.49 11.48 3.92
C SER A 133 -9.55 9.98 3.67
N TRP A 134 -9.53 9.18 4.75
CA TRP A 134 -9.63 7.72 4.64
C TRP A 134 -11.07 7.29 4.87
N SER A 135 -11.50 6.28 4.12
CA SER A 135 -12.83 5.74 4.33
C SER A 135 -12.86 4.22 4.11
N LYS A 136 -13.80 3.52 4.75
CA LYS A 136 -14.13 2.16 4.35
C LYS A 136 -15.54 2.18 3.86
N GLY A 137 -15.72 1.87 2.59
CA GLY A 137 -17.05 1.99 2.02
C GLY A 137 -17.57 3.40 2.24
N GLU A 138 -18.71 3.48 2.92
CA GLU A 138 -19.47 4.71 3.03
C GLU A 138 -19.07 5.60 4.20
N ASP A 139 -18.05 5.20 4.95
CA ASP A 139 -17.75 5.90 6.18
C ASP A 139 -16.33 6.44 6.26
N VAL A 140 -16.21 7.68 6.70
CA VAL A 140 -14.91 8.30 6.85
C VAL A 140 -14.26 7.81 8.13
N ILE A 141 -13.13 7.13 8.04
CA ILE A 141 -12.48 6.65 9.25
C ILE A 141 -11.37 7.53 9.84
N ASP A 142 -10.93 8.52 9.07
CA ASP A 142 -10.03 9.54 9.60
C ASP A 142 -9.57 10.52 8.52
N THR A 143 -9.19 11.71 8.97
CA THR A 143 -8.74 12.76 8.10
C THR A 143 -7.22 12.91 8.05
N THR A 144 -6.49 11.97 8.61
CA THR A 144 -5.04 12.10 8.67
C THR A 144 -4.32 11.25 7.63
N GLN A 145 -3.15 11.71 7.22
CA GLN A 145 -2.33 11.01 6.23
C GLN A 145 -2.13 9.53 6.53
N ASP A 146 -1.80 9.24 7.78
CA ASP A 146 -1.60 7.88 8.26
C ASP A 146 -2.72 7.53 9.25
N ILE A 147 -3.19 6.29 9.20
CA ILE A 147 -4.22 5.87 10.16
C ILE A 147 -3.95 4.47 10.70
N THR A 148 -4.66 4.12 11.77
CA THR A 148 -4.52 2.79 12.32
C THR A 148 -5.88 2.14 12.50
N ILE A 149 -5.99 0.94 11.98
CA ILE A 149 -7.20 0.16 12.14
C ILE A 149 -6.98 -0.71 13.36
N GLN A 150 -7.71 -0.38 14.43
CA GLN A 150 -7.51 -1.01 15.74
C GLN A 150 -8.22 -2.36 15.78
N GLU A 151 -7.57 -3.33 16.42
CA GLU A 151 -8.19 -4.63 16.70
C GLU A 151 -8.94 -5.15 15.49
N PHE A 152 -8.18 -5.47 14.46
CA PHE A 152 -8.78 -5.89 13.20
C PHE A 152 -9.45 -7.26 13.31
N THR A 153 -10.73 -7.30 12.92
CA THR A 153 -11.53 -8.51 13.02
C THR A 153 -12.17 -8.81 11.68
N ALA A 154 -12.70 -10.01 11.51
CA ALA A 154 -13.18 -10.40 10.20
C ALA A 154 -14.18 -9.40 9.60
N ASP A 155 -14.85 -8.64 10.45
CA ASP A 155 -15.89 -7.74 9.96
C ASP A 155 -15.31 -6.39 9.52
N LYS A 156 -14.02 -6.20 9.78
CA LYS A 156 -13.30 -5.06 9.22
C LYS A 156 -12.62 -5.44 7.91
N ASN A 157 -12.86 -6.66 7.43
CA ASN A 157 -12.42 -7.04 6.09
C ASN A 157 -13.07 -6.07 5.13
N GLY A 158 -12.32 -5.66 4.10
CA GLY A 158 -12.84 -4.73 3.12
C GLY A 158 -11.77 -3.93 2.41
N VAL A 159 -12.22 -3.00 1.57
CA VAL A 159 -11.35 -2.11 0.84
C VAL A 159 -11.31 -0.78 1.57
N TYR A 160 -10.10 -0.35 1.90
CA TYR A 160 -9.88 0.95 2.53
C TYR A 160 -9.31 1.91 1.48
N THR A 161 -9.84 3.12 1.44
CA THR A 161 -9.45 4.08 0.42
C THR A 161 -9.05 5.40 1.04
N VAL A 162 -7.99 5.99 0.49
CA VAL A 162 -7.58 7.32 0.92
C VAL A 162 -7.68 8.27 -0.24
N LYS A 163 -8.39 9.38 -0.02
CA LYS A 163 -8.54 10.41 -1.04
C LYS A 163 -7.70 11.62 -0.63
N VAL A 164 -7.01 12.21 -1.58
CA VAL A 164 -6.17 13.36 -1.31
C VAL A 164 -6.46 14.49 -2.29
N TRP A 165 -6.38 15.72 -1.81
CA TRP A 165 -6.60 16.90 -2.65
C TRP A 165 -5.96 18.16 -2.09
N GLY A 166 -5.84 19.16 -2.95
CA GLY A 166 -5.20 20.43 -2.69
C GLY A 166 -6.20 21.50 -2.32
N GLU A 167 -5.97 22.71 -2.83
CA GLU A 167 -6.88 23.81 -2.60
C GLU A 167 -8.35 23.50 -2.95
N SER A 168 -8.58 22.67 -3.95
CA SER A 168 -9.95 22.27 -4.30
C SER A 168 -10.11 20.75 -4.43
N GLU A 169 -11.25 20.22 -4.02
CA GLU A 169 -11.49 18.80 -4.22
C GLU A 169 -11.52 18.45 -5.71
N ASP A 170 -11.46 19.47 -6.56
CA ASP A 170 -11.36 19.24 -7.99
C ASP A 170 -10.06 18.48 -8.30
N SER A 171 -9.08 18.57 -7.41
CA SER A 171 -7.76 17.97 -7.63
C SER A 171 -7.59 16.59 -6.99
N ALA A 172 -8.67 16.04 -6.42
CA ALA A 172 -8.65 14.77 -5.71
C ALA A 172 -8.06 13.63 -6.52
N ALA A 173 -7.27 12.80 -5.85
CA ALA A 173 -6.81 11.53 -6.41
C ALA A 173 -6.86 10.48 -5.31
N SER A 174 -6.96 9.21 -5.68
CA SER A 174 -7.17 8.15 -4.69
C SER A 174 -6.27 6.94 -4.86
N ALA A 175 -6.08 6.22 -3.76
CA ALA A 175 -5.45 4.92 -3.71
C ALA A 175 -6.34 3.97 -2.90
N SER A 176 -6.27 2.67 -3.19
CA SER A 176 -6.97 1.69 -2.36
C SER A 176 -6.10 0.49 -2.01
N THR A 177 -6.46 -0.16 -0.90
CA THR A 177 -5.82 -1.40 -0.45
C THR A 177 -6.90 -2.31 0.11
N LYS A 178 -6.81 -3.61 -0.17
CA LYS A 178 -7.81 -4.54 0.35
C LYS A 178 -7.16 -5.39 1.42
N ILE A 179 -7.76 -5.38 2.61
CA ILE A 179 -7.21 -6.09 3.77
C ILE A 179 -8.22 -7.04 4.39
N MET A 180 -7.80 -8.28 4.60
CA MET A 180 -8.67 -9.29 5.21
C MET A 180 -7.97 -10.03 6.33
N LEU A 181 -8.73 -10.37 7.36
CA LEU A 181 -8.28 -11.32 8.38
C LEU A 181 -8.13 -12.74 7.81
N ALA A 182 -7.00 -13.36 8.11
CA ALA A 182 -6.74 -14.74 7.72
C ALA A 182 -6.63 -15.58 8.97
N THR A 183 -7.49 -16.58 9.08
CA THR A 183 -7.40 -17.59 10.15
C THR A 183 -7.59 -18.97 9.55
N MET A 184 -7.30 -20.00 10.36
CA MET A 184 -7.49 -21.37 9.94
C MET A 184 -8.62 -22.04 10.71
N ASN A 185 -9.28 -23.01 10.09
CA ASN A 185 -10.19 -23.86 10.83
C ASN A 185 -9.66 -25.28 10.92
N VAL A 186 -9.92 -25.94 12.03
CA VAL A 186 -9.51 -27.33 12.15
C VAL A 186 -10.74 -28.21 11.92
N ASP A 187 -10.73 -28.88 10.78
CA ASP A 187 -11.82 -29.75 10.38
C ASP A 187 -11.70 -31.14 10.98
N GLN A 188 -10.48 -31.65 11.04
CA GLN A 188 -10.22 -32.94 11.65
C GLN A 188 -8.99 -32.91 12.54
N ASP A 189 -9.17 -33.06 13.85
CA ASP A 189 -8.00 -33.07 14.73
C ASP A 189 -7.27 -34.40 14.58
N VAL A 190 -6.00 -34.44 14.97
CA VAL A 190 -5.24 -35.69 15.01
C VAL A 190 -5.83 -36.63 16.05
N VAL A 191 -5.77 -37.94 15.79
CA VAL A 191 -6.27 -38.94 16.74
C VAL A 191 -5.55 -38.87 18.09
N GLU A 192 -6.31 -38.98 19.17
CA GLU A 192 -5.76 -38.78 20.50
C GLU A 192 -4.81 -39.91 20.91
N SER A 193 -5.12 -41.12 20.47
CA SER A 193 -4.24 -42.27 20.69
C SER A 193 -4.39 -43.27 19.56
N LYS A 194 -3.28 -43.88 19.18
CA LYS A 194 -3.27 -44.90 18.15
C LYS A 194 -2.31 -45.99 18.59
N THR A 195 -2.80 -47.22 18.58
CA THR A 195 -1.93 -48.38 18.79
C THR A 195 -1.71 -49.03 17.44
N VAL A 196 -0.46 -49.37 17.17
CA VAL A 196 -0.08 -49.88 15.86
C VAL A 196 0.67 -51.19 16.01
N ALA A 197 0.29 -52.17 15.21
CA ALA A 197 1.00 -53.44 15.15
C ALA A 197 2.40 -53.21 14.61
N LEU A 198 3.41 -53.68 15.34
CA LEU A 198 4.79 -53.57 14.88
C LEU A 198 4.93 -54.17 13.47
N GLY A 199 5.44 -53.37 12.53
CA GLY A 199 5.58 -53.83 11.16
C GLY A 199 4.54 -53.26 10.22
N ASN A 200 3.42 -52.78 10.76
CA ASN A 200 2.37 -52.15 9.94
C ASN A 200 2.50 -50.63 9.81
N GLU A 201 1.59 -50.05 9.01
CA GLU A 201 1.68 -48.66 8.59
C GLU A 201 1.26 -47.64 9.65
N ILE A 202 2.06 -46.59 9.78
CA ILE A 202 1.72 -45.48 10.63
C ILE A 202 1.17 -44.37 9.75
N SER A 203 -0.10 -44.01 9.94
CA SER A 203 -0.70 -42.93 9.18
C SER A 203 -1.51 -41.93 10.01
N LEU A 204 -1.06 -40.68 10.01
CA LEU A 204 -1.67 -39.62 10.81
C LEU A 204 -2.05 -38.44 9.95
N ASN A 205 -3.18 -37.80 10.27
CA ASN A 205 -3.66 -36.66 9.50
C ASN A 205 -4.22 -35.56 10.37
N TYR A 206 -3.99 -34.33 9.96
CA TYR A 206 -4.50 -33.15 10.65
C TYR A 206 -5.18 -32.35 9.56
N VAL A 207 -6.49 -32.19 9.67
CA VAL A 207 -7.25 -31.54 8.60
C VAL A 207 -7.65 -30.14 9.00
N VAL A 208 -7.05 -29.17 8.32
CA VAL A 208 -7.32 -27.76 8.56
C VAL A 208 -7.47 -27.11 7.22
N SER A 209 -8.17 -25.99 7.21
CA SER A 209 -8.40 -25.24 5.98
C SER A 209 -8.31 -23.74 6.26
N GLU A 210 -8.19 -22.94 5.20
CA GLU A 210 -8.21 -21.50 5.34
C GLU A 210 -9.62 -20.99 5.64
N ASP A 211 -9.74 -20.07 6.60
CA ASP A 211 -11.03 -19.51 6.97
C ASP A 211 -11.04 -18.02 6.64
N ILE A 212 -11.71 -17.64 5.56
CA ILE A 212 -11.68 -16.26 5.06
C ILE A 212 -13.10 -15.79 4.82
N VAL A 213 -13.46 -14.66 5.41
CA VAL A 213 -14.83 -14.19 5.34
C VAL A 213 -15.01 -13.14 4.26
N GLY A 214 -16.00 -13.34 3.40
CA GLY A 214 -16.33 -12.35 2.40
C GLY A 214 -15.58 -12.58 1.11
N ASP A 215 -15.50 -11.52 0.30
CA ASP A 215 -14.93 -11.60 -1.04
C ASP A 215 -13.40 -11.61 -1.03
N SER A 216 -12.81 -12.71 -1.45
CA SER A 216 -11.37 -12.92 -1.36
C SER A 216 -10.71 -12.55 -2.67
N SER A 217 -11.50 -12.03 -3.60
CA SER A 217 -11.00 -11.80 -4.94
C SER A 217 -9.82 -10.82 -4.92
N GLY A 218 -8.80 -11.12 -5.71
CA GLY A 218 -7.62 -10.28 -5.77
C GLY A 218 -6.61 -10.50 -4.67
N MET A 219 -7.04 -11.14 -3.57
CA MET A 219 -6.17 -11.39 -2.42
C MET A 219 -5.04 -12.35 -2.75
N PRO A 220 -3.96 -12.29 -1.97
CA PRO A 220 -2.77 -13.12 -2.16
C PRO A 220 -3.06 -14.62 -2.11
N ASN A 221 -2.29 -15.39 -2.88
CA ASN A 221 -2.40 -16.82 -2.80
C ASN A 221 -2.08 -17.27 -1.40
N LEU A 222 -2.89 -18.16 -0.87
CA LEU A 222 -2.63 -18.75 0.43
C LEU A 222 -2.17 -20.19 0.28
N THR A 223 -1.13 -20.56 1.04
CA THR A 223 -0.71 -21.95 1.13
C THR A 223 -0.59 -22.38 2.59
N ILE A 224 -0.64 -23.69 2.82
CA ILE A 224 -0.47 -24.25 4.16
C ILE A 224 0.71 -25.20 4.16
N LYS A 225 1.55 -25.12 5.18
CA LYS A 225 2.60 -26.12 5.31
C LYS A 225 2.46 -26.91 6.61
N TYR A 226 2.85 -28.18 6.54
CA TYR A 226 2.59 -29.05 7.64
C TYR A 226 3.88 -29.45 8.31
N ASN A 227 4.07 -29.02 9.55
CA ASN A 227 5.23 -29.39 10.33
C ASN A 227 4.91 -30.49 11.35
N TRP A 228 5.59 -31.62 11.21
CA TRP A 228 5.30 -32.80 12.03
C TRP A 228 6.38 -33.04 13.04
N TYR A 229 5.98 -33.34 14.26
CA TYR A 229 6.93 -33.59 15.34
C TYR A 229 6.64 -34.93 16.03
N LEU A 230 7.62 -35.38 16.79
CA LEU A 230 7.45 -36.52 17.69
C LEU A 230 8.29 -36.30 18.94
N GLN A 231 7.79 -36.73 20.07
CA GLN A 231 8.57 -36.65 21.29
C GLN A 231 8.38 -37.92 22.11
N ARG A 232 9.49 -38.59 22.42
CA ARG A 232 9.45 -39.85 23.15
C ARG A 232 9.64 -39.63 24.64
N GLU A 233 9.60 -40.73 25.40
CA GLU A 233 9.68 -40.65 26.84
C GLU A 233 11.05 -40.19 27.33
N GLY A 234 11.04 -39.16 28.17
CA GLY A 234 12.26 -38.61 28.73
C GLY A 234 13.03 -37.78 27.73
N GLN A 235 12.63 -37.86 26.46
CA GLN A 235 13.25 -37.11 25.38
C GLN A 235 13.04 -35.62 25.58
N LEU A 236 14.14 -34.86 25.52
CA LEU A 236 14.14 -33.46 25.97
C LEU A 236 13.48 -32.45 25.02
N SER A 237 14.00 -32.33 23.81
CA SER A 237 13.32 -31.51 22.82
C SER A 237 12.79 -32.32 21.62
N PRO A 238 11.63 -31.92 21.12
CA PRO A 238 10.92 -32.65 20.06
C PRO A 238 11.74 -32.68 18.78
N THR A 239 11.58 -33.76 18.03
CA THR A 239 12.26 -33.95 16.78
C THR A 239 11.33 -33.46 15.72
N LEU A 240 11.79 -32.56 14.85
CA LEU A 240 10.97 -32.15 13.72
C LEU A 240 11.21 -33.19 12.62
N ILE A 241 10.17 -33.96 12.30
CA ILE A 241 10.28 -35.05 11.35
C ILE A 241 10.47 -34.53 9.93
N GLY A 242 9.60 -33.62 9.53
CA GLY A 242 9.68 -32.98 8.24
C GLY A 242 8.82 -31.73 8.17
N SER A 243 9.02 -30.95 7.11
CA SER A 243 8.25 -29.74 6.87
C SER A 243 7.60 -29.80 5.50
N GLU A 244 8.44 -29.95 4.49
CA GLU A 244 8.01 -30.06 3.10
C GLU A 244 7.37 -31.40 2.77
N VAL A 245 6.56 -31.40 1.70
CA VAL A 245 5.95 -32.63 1.22
C VAL A 245 7.08 -33.54 0.72
N GLY A 246 6.80 -34.83 0.59
CA GLY A 246 7.83 -35.78 0.22
C GLY A 246 8.41 -36.47 1.44
N GLU A 247 9.58 -37.06 1.28
CA GLU A 247 10.14 -37.88 2.35
C GLU A 247 10.63 -37.06 3.53
N ALA A 248 10.76 -37.74 4.67
CA ALA A 248 11.20 -37.09 5.89
C ALA A 248 12.10 -38.00 6.72
N LEU A 249 12.50 -37.50 7.88
CA LEU A 249 13.41 -38.18 8.78
C LEU A 249 12.84 -39.44 9.40
N GLU A 250 13.74 -40.29 9.89
CA GLU A 250 13.37 -41.49 10.63
C GLU A 250 12.35 -42.37 9.90
N GLY A 251 12.43 -42.38 8.57
CA GLY A 251 11.63 -43.28 7.76
C GLY A 251 10.22 -42.78 7.50
N PHE A 252 9.98 -41.52 7.83
CA PHE A 252 8.67 -40.92 7.64
C PHE A 252 8.62 -40.15 6.34
N SER A 253 7.44 -40.16 5.73
CA SER A 253 7.19 -39.31 4.59
C SER A 253 5.96 -38.42 4.83
N ILE A 254 5.88 -37.31 4.12
CA ILE A 254 4.70 -36.44 4.15
C ILE A 254 4.04 -36.44 2.76
N THR A 255 2.77 -36.83 2.71
CA THR A 255 2.06 -36.92 1.44
C THR A 255 1.76 -35.52 0.91
N PRO A 256 1.17 -35.42 -0.28
CA PRO A 256 0.88 -34.12 -0.89
C PRO A 256 -0.23 -33.37 -0.14
N ASP A 257 -0.99 -34.11 0.67
CA ASP A 257 -2.11 -33.52 1.40
C ASP A 257 -1.77 -33.10 2.83
N GLY A 258 -0.52 -33.28 3.25
CA GLY A 258 -0.12 -32.93 4.60
C GLY A 258 -0.31 -34.04 5.63
N HIS A 259 -0.22 -35.28 5.14
CA HIS A 259 -0.36 -36.46 5.97
C HIS A 259 1.01 -37.04 6.30
N LEU A 260 1.15 -37.53 7.52
CA LEU A 260 2.37 -38.20 7.92
C LEU A 260 2.21 -39.69 7.70
N PHE A 261 3.21 -40.31 7.10
CA PHE A 261 3.16 -41.72 6.76
C PHE A 261 4.52 -42.40 6.90
N LYS A 262 4.50 -43.63 7.39
CA LYS A 262 5.70 -44.46 7.44
C LYS A 262 5.32 -45.89 7.13
N GLU A 263 6.12 -46.55 6.31
CA GLU A 263 5.79 -47.89 5.85
C GLU A 263 5.57 -48.89 6.98
N SER A 264 6.64 -49.27 7.66
CA SER A 264 6.52 -50.23 8.75
C SER A 264 7.06 -49.69 10.07
N ALA A 265 6.23 -49.82 11.10
CA ALA A 265 6.54 -49.30 12.42
C ALA A 265 7.72 -50.04 13.04
N THR A 266 8.44 -49.35 13.90
CA THR A 266 9.48 -49.95 14.73
C THR A 266 9.10 -49.63 16.16
N TYR A 267 9.67 -50.34 17.13
CA TYR A 267 9.33 -50.07 18.52
C TYR A 267 9.83 -48.67 18.90
N ASP A 268 10.63 -48.10 18.01
CA ASP A 268 11.20 -46.78 18.22
C ASP A 268 10.24 -45.66 17.83
N ASP A 269 9.28 -45.99 16.98
CA ASP A 269 8.23 -45.07 16.56
C ASP A 269 7.21 -44.80 17.66
N THR A 270 7.38 -45.42 18.81
CA THR A 270 6.45 -45.21 19.91
C THR A 270 6.80 -43.87 20.52
N ALA A 271 5.87 -42.93 20.42
CA ALA A 271 6.14 -41.56 20.79
C ALA A 271 4.84 -40.79 20.76
N LYS A 272 4.91 -39.51 21.10
CA LYS A 272 3.81 -38.61 20.83
C LYS A 272 4.08 -37.93 19.50
N PHE A 273 3.03 -37.78 18.70
CA PHE A 273 3.12 -37.06 17.45
C PHE A 273 2.16 -35.90 17.51
N TRP A 274 2.55 -34.78 16.90
CA TRP A 274 1.61 -33.69 16.63
C TRP A 274 2.02 -32.94 15.36
N CYS A 275 1.09 -32.13 14.85
CA CYS A 275 1.35 -31.32 13.67
C CYS A 275 1.14 -29.86 14.00
N VAL A 276 2.01 -29.02 13.46
CA VAL A 276 1.84 -27.57 13.50
C VAL A 276 1.67 -27.10 12.07
N ALA A 277 0.47 -26.63 11.74
CA ALA A 277 0.17 -26.23 10.37
C ALA A 277 0.21 -24.74 10.29
N LYS A 278 0.92 -24.22 9.28
CA LYS A 278 1.10 -22.77 9.14
C LYS A 278 0.56 -22.30 7.81
N LEU A 279 -0.15 -21.18 7.87
CA LEU A 279 -0.80 -20.57 6.73
C LEU A 279 0.06 -19.43 6.20
N TYR A 280 0.23 -19.38 4.90
CA TYR A 280 1.11 -18.40 4.28
C TYR A 280 0.40 -17.63 3.19
N GLN A 281 0.69 -16.34 3.11
CA GLN A 281 0.26 -15.56 1.97
C GLN A 281 1.46 -15.19 1.10
N GLN A 282 1.27 -15.29 -0.21
CA GLN A 282 2.32 -15.01 -1.18
C GLN A 282 2.21 -13.56 -1.65
N ILE A 283 3.19 -12.74 -1.27
CA ILE A 283 3.18 -11.33 -1.69
C ILE A 283 4.46 -10.99 -2.42
N GLU A 284 4.33 -10.67 -3.69
CA GLU A 284 5.48 -10.51 -4.57
C GLU A 284 6.20 -11.84 -4.68
N ASP A 285 7.52 -11.81 -4.53
CA ASP A 285 8.22 -13.05 -4.36
C ASP A 285 8.60 -13.04 -2.90
N GLU A 286 7.81 -13.75 -2.13
CA GLU A 286 8.00 -13.84 -0.70
C GLU A 286 6.77 -14.53 -0.18
N THR A 287 6.88 -15.16 0.99
CA THR A 287 5.75 -15.85 1.60
C THR A 287 5.82 -15.56 3.09
N VAL A 288 4.67 -15.30 3.72
CA VAL A 288 4.67 -14.88 5.11
C VAL A 288 3.53 -15.54 5.90
N GLU A 289 3.86 -16.12 7.05
CA GLU A 289 2.88 -16.85 7.84
C GLU A 289 1.87 -15.87 8.41
N VAL A 290 0.58 -16.08 8.11
CA VAL A 290 -0.47 -15.28 8.76
C VAL A 290 -1.27 -15.98 9.87
N ALA A 291 -1.09 -17.29 10.01
CA ALA A 291 -1.82 -18.05 11.01
C ALA A 291 -1.15 -19.39 11.26
N ALA A 292 -1.48 -20.01 12.39
CA ALA A 292 -1.00 -21.36 12.69
C ALA A 292 -2.02 -22.10 13.52
N SER A 293 -1.96 -23.43 13.41
CA SER A 293 -2.78 -24.34 14.19
C SER A 293 -1.86 -25.46 14.62
N THR A 294 -1.88 -25.79 15.90
CA THR A 294 -1.11 -26.90 16.41
C THR A 294 -2.07 -28.01 16.81
N SER A 295 -1.77 -29.25 16.40
CA SER A 295 -2.66 -30.39 16.63
C SER A 295 -2.63 -30.87 18.07
N ARG A 296 -3.66 -31.60 18.48
CA ARG A 296 -3.58 -32.33 19.75
C ARG A 296 -2.53 -33.41 19.60
N LYS A 297 -1.77 -33.69 20.66
CA LYS A 297 -0.79 -34.76 20.58
C LYS A 297 -1.44 -36.16 20.56
N CYS A 298 -0.96 -37.02 19.66
CA CYS A 298 -1.40 -38.41 19.60
C CYS A 298 -0.39 -39.34 20.26
N SER A 299 -0.85 -40.18 21.17
CA SER A 299 0.09 -41.09 21.80
C SER A 299 0.19 -42.35 20.96
N MET A 300 1.36 -42.57 20.36
CA MET A 300 1.54 -43.60 19.36
C MET A 300 2.21 -44.81 19.97
N GLU A 301 1.44 -45.89 20.07
CA GLU A 301 1.90 -47.10 20.73
C GLU A 301 2.24 -48.18 19.70
N VAL A 302 3.51 -48.57 19.66
CA VAL A 302 3.92 -49.68 18.82
C VAL A 302 4.04 -50.91 19.71
N VAL A 303 3.11 -51.85 19.54
CA VAL A 303 2.99 -53.00 20.41
C VAL A 303 3.00 -54.29 19.60
N LYS A 304 3.33 -55.40 20.27
CA LYS A 304 3.31 -56.76 19.70
C LYS A 304 4.13 -56.91 18.43
#